data_8XFL
#
_entry.id   8XFL
#
_cell.length_a   114.447
_cell.length_b   78.103
_cell.length_c   86.155
_cell.angle_alpha   90.000
_cell.angle_beta   122.000
_cell.angle_gamma   90.000
#
_symmetry.space_group_name_H-M   'C 1 2 1'
#
loop_
_entity.id
_entity.type
_entity.pdbx_description
1 polymer 'MAP/microtubule affinity-regulating kinase 4'
2 water water
#
_entity_poly.entity_id   1
_entity_poly.type   'polypeptide(L)'
_entity_poly.pdbx_seq_one_letter_code
;NSIASCPEEQPHVGNYRLLRTIGKGNFAKVKLARHILTGREVAIKIIDKTQLNPSSLQKLFREVRIMKGLNHPNIVKLFE
VIETEKTLYLVMEYASAGEVFDYLVSHGRMKEKEARAKFRQIVSAVHYCHQKNIVHRDLKAENLLLDAEANIKIADFGFS
NEFTLGSKLDTFCGSPPYAAPELFQGKKYDGPEVDIWSLGVILYTLVSGSLPFDGHNLKELRERVLRGKYRVPFYMSTDC
ESILRRFLVLNPAKRCTLEQIMKDKWINIGYEGEELKPYTEPEEDFGDTKRIEVMVGMGYTREEIKESLTSQKYNEVTAT
YLLLGRK
;
_entity_poly.pdbx_strand_id   A,B
#
# COMPACT_ATOMS: atom_id res chain seq x y z
N PRO A 11 8.64 36.98 -7.55
CA PRO A 11 9.08 37.34 -6.19
C PRO A 11 8.24 36.72 -5.07
N HIS A 12 6.91 36.61 -5.26
CA HIS A 12 6.04 36.16 -4.19
C HIS A 12 5.12 35.01 -4.62
N VAL A 13 4.95 34.05 -3.70
CA VAL A 13 3.92 33.01 -3.80
C VAL A 13 3.43 32.73 -2.38
N GLY A 14 2.12 32.62 -2.18
CA GLY A 14 1.58 32.39 -0.86
C GLY A 14 2.05 33.47 0.11
N ASN A 15 2.45 33.04 1.32
CA ASN A 15 3.13 33.91 2.27
C ASN A 15 4.65 33.73 2.20
N TYR A 16 5.16 33.44 0.99
CA TYR A 16 6.54 33.08 0.80
C TYR A 16 7.18 34.02 -0.21
N ARG A 17 8.24 34.71 0.23
CA ARG A 17 9.13 35.42 -0.69
C ARG A 17 10.08 34.39 -1.31
N LEU A 18 10.21 34.42 -2.63
CA LEU A 18 11.06 33.50 -3.37
C LEU A 18 12.46 34.09 -3.52
N LEU A 19 13.48 33.24 -3.30
CA LEU A 19 14.88 33.64 -3.31
C LEU A 19 15.52 33.21 -4.62
N ARG A 20 15.90 31.94 -4.71
CA ARG A 20 16.71 31.47 -5.83
C ARG A 20 16.34 30.03 -6.15
N THR A 21 16.38 29.70 -7.45
CA THR A 21 16.06 28.36 -7.94
C THR A 21 17.17 27.41 -7.49
N ILE A 22 16.81 26.15 -7.23
CA ILE A 22 17.77 25.18 -6.75
C ILE A 22 17.48 23.82 -7.37
N GLY A 23 17.28 23.82 -8.69
CA GLY A 23 17.01 22.61 -9.45
C GLY A 23 15.87 22.81 -10.45
N LYS A 24 15.91 22.01 -11.52
CA LYS A 24 14.87 22.02 -12.55
C LYS A 24 14.81 20.63 -13.18
N GLY A 25 13.96 19.76 -12.61
CA GLY A 25 13.76 18.42 -13.13
C GLY A 25 12.84 18.43 -14.35
N ASN A 26 12.20 17.28 -14.58
CA ASN A 26 11.19 17.16 -15.61
C ASN A 26 9.83 17.46 -14.97
N PHE A 27 9.19 18.54 -15.44
CA PHE A 27 7.84 18.94 -15.05
C PHE A 27 7.82 19.63 -13.68
N ALA A 28 8.95 19.57 -12.95
CA ALA A 28 9.03 20.12 -11.60
C ALA A 28 10.31 20.95 -11.45
N LYS A 29 10.21 22.04 -10.68
CA LYS A 29 11.34 22.90 -10.37
C LYS A 29 11.21 23.34 -8.92
N VAL A 30 12.34 23.31 -8.18
CA VAL A 30 12.35 23.64 -6.77
C VAL A 30 12.98 25.02 -6.60
N LYS A 31 12.37 25.85 -5.75
CA LYS A 31 12.90 27.17 -5.46
C LYS A 31 13.05 27.31 -3.95
N LEU A 32 14.17 27.89 -3.51
CA LEU A 32 14.36 28.26 -2.12
C LEU A 32 13.56 29.52 -1.84
N ALA A 33 13.02 29.61 -0.63
CA ALA A 33 12.08 30.67 -0.28
C ALA A 33 12.15 30.98 1.21
N ARG A 34 11.40 32.01 1.63
CA ARG A 34 11.46 32.55 2.97
C ARG A 34 10.04 32.91 3.39
N HIS A 35 9.49 32.17 4.37
CA HIS A 35 8.15 32.42 4.88
C HIS A 35 8.12 33.80 5.53
N ILE A 36 7.23 34.67 5.03
CA ILE A 36 7.19 36.05 5.47
C ILE A 36 6.76 36.12 6.92
N LEU A 37 5.72 35.38 7.28
CA LEU A 37 5.10 35.50 8.59
C LEU A 37 6.10 35.17 9.68
N THR A 38 6.72 33.99 9.54
CA THR A 38 7.59 33.40 10.56
C THR A 38 9.05 33.74 10.33
N GLY A 39 9.43 33.99 9.08
CA GLY A 39 10.82 34.22 8.72
C GLY A 39 11.56 32.95 8.30
N ARG A 40 11.01 31.77 8.62
CA ARG A 40 11.73 30.53 8.42
C ARG A 40 12.01 30.30 6.94
N GLU A 41 12.91 29.34 6.68
CA GLU A 41 13.40 29.02 5.36
C GLU A 41 12.80 27.71 4.90
N VAL A 42 12.44 27.66 3.61
CA VAL A 42 11.74 26.51 3.06
C VAL A 42 12.19 26.29 1.61
N ALA A 43 11.91 25.09 1.11
CA ALA A 43 12.02 24.78 -0.31
C ALA A 43 10.62 24.53 -0.87
N ILE A 44 10.41 24.88 -2.15
CA ILE A 44 9.10 24.81 -2.78
C ILE A 44 9.22 24.10 -4.13
N LYS A 45 8.66 22.88 -4.20
CA LYS A 45 8.50 22.17 -5.47
C LYS A 45 7.32 22.76 -6.22
N ILE A 46 7.58 23.20 -7.47
CA ILE A 46 6.60 23.83 -8.34
C ILE A 46 6.37 22.92 -9.55
N ILE A 47 5.17 22.33 -9.61
CA ILE A 47 4.77 21.48 -10.72
C ILE A 47 3.73 22.22 -11.57
N ASP A 48 3.98 22.35 -12.88
CA ASP A 48 2.97 22.83 -13.82
C ASP A 48 1.97 21.74 -14.18
N LYS A 49 0.72 21.94 -13.74
CA LYS A 49 -0.37 21.04 -14.05
C LYS A 49 -0.68 21.11 -15.54
N THR A 50 -0.32 22.24 -16.17
CA THR A 50 -0.64 22.47 -17.57
C THR A 50 -0.21 21.24 -18.37
N GLN A 51 1.03 20.81 -18.15
CA GLN A 51 1.72 19.86 -19.00
C GLN A 51 1.75 18.50 -18.31
N LEU A 52 0.55 17.95 -18.05
CA LEU A 52 0.40 16.71 -17.31
C LEU A 52 -0.70 15.86 -17.95
N ASN A 53 -0.50 14.54 -17.98
CA ASN A 53 -1.57 13.59 -18.26
C ASN A 53 -2.56 13.64 -17.10
N PRO A 54 -3.87 13.95 -17.32
CA PRO A 54 -4.86 13.95 -16.24
C PRO A 54 -4.92 12.67 -15.38
N SER A 55 -4.50 11.53 -15.97
CA SER A 55 -4.41 10.27 -15.24
C SER A 55 -3.23 10.29 -14.27
N SER A 56 -2.20 11.09 -14.58
CA SER A 56 -1.02 11.21 -13.72
C SER A 56 -1.35 12.02 -12.46
N LEU A 57 -2.22 13.03 -12.59
CA LEU A 57 -2.62 13.83 -11.44
C LEU A 57 -3.31 12.95 -10.39
N GLN A 58 -4.01 11.90 -10.85
CA GLN A 58 -4.61 10.92 -9.94
C GLN A 58 -3.52 10.25 -9.11
N LYS A 59 -2.30 10.14 -9.66
CA LYS A 59 -1.18 9.59 -8.91
C LYS A 59 -0.40 10.71 -8.21
N LEU A 60 -0.37 11.92 -8.78
CA LEU A 60 0.32 13.04 -8.15
C LEU A 60 -0.30 13.30 -6.78
N PHE A 61 -1.61 13.55 -6.78
CA PHE A 61 -2.32 13.88 -5.54
C PHE A 61 -2.32 12.68 -4.60
N ARG A 62 -2.48 11.47 -5.14
CA ARG A 62 -2.36 10.24 -4.36
C ARG A 62 -1.05 10.26 -3.57
N GLU A 63 0.05 10.66 -4.23
CA GLU A 63 1.34 10.72 -3.58
C GLU A 63 1.37 11.87 -2.58
N VAL A 64 0.74 13.00 -2.92
CA VAL A 64 0.67 14.14 -2.01
C VAL A 64 -0.07 13.72 -0.74
N ARG A 65 -1.00 12.76 -0.84
CA ARG A 65 -1.70 12.27 0.32
C ARG A 65 -0.71 11.57 1.25
N ILE A 66 0.07 10.64 0.69
CA ILE A 66 1.08 9.92 1.44
C ILE A 66 2.05 10.89 2.09
N MET A 67 2.50 11.90 1.33
CA MET A 67 3.52 12.83 1.77
C MET A 67 3.08 13.57 3.04
N LYS A 68 1.77 13.85 3.15
CA LYS A 68 1.21 14.53 4.32
C LYS A 68 1.28 13.62 5.55
N GLY A 69 1.28 12.30 5.31
CA GLY A 69 1.29 11.32 6.38
C GLY A 69 2.69 11.05 6.93
N LEU A 70 3.70 11.35 6.10
CA LEU A 70 5.10 11.26 6.51
C LEU A 70 5.36 12.26 7.62
N ASN A 71 5.75 11.75 8.80
CA ASN A 71 6.12 12.61 9.91
C ASN A 71 7.26 11.96 10.71
N HIS A 72 8.48 12.16 10.20
CA HIS A 72 9.67 11.53 10.76
C HIS A 72 10.79 12.57 10.77
N PRO A 73 11.71 12.53 11.75
CA PRO A 73 12.75 13.55 11.86
C PRO A 73 13.80 13.53 10.75
N ASN A 74 13.79 12.46 9.94
CA ASN A 74 14.80 12.30 8.90
C ASN A 74 14.09 12.06 7.57
N ILE A 75 12.87 12.64 7.43
CA ILE A 75 12.16 12.65 6.16
C ILE A 75 11.57 14.04 5.95
N VAL A 76 11.77 14.56 4.73
CA VAL A 76 11.39 15.92 4.38
C VAL A 76 9.89 16.09 4.63
N LYS A 77 9.55 16.97 5.57
CA LYS A 77 8.17 17.24 5.93
C LYS A 77 7.55 18.24 4.97
N LEU A 78 6.28 17.99 4.64
CA LEU A 78 5.45 18.94 3.92
C LEU A 78 4.90 19.96 4.91
N PHE A 79 4.80 21.23 4.47
CA PHE A 79 4.35 22.31 5.31
C PHE A 79 3.02 22.91 4.82
N GLU A 80 2.99 23.37 3.56
CA GLU A 80 1.87 24.07 2.98
C GLU A 80 1.66 23.54 1.56
N VAL A 81 0.40 23.46 1.13
CA VAL A 81 0.07 23.19 -0.26
C VAL A 81 -0.66 24.41 -0.80
N ILE A 82 -0.24 24.86 -1.99
CA ILE A 82 -0.88 25.99 -2.66
C ILE A 82 -1.20 25.55 -4.08
N GLU A 83 -2.50 25.48 -4.38
CA GLU A 83 -2.96 25.05 -5.68
C GLU A 83 -3.53 26.26 -6.40
N THR A 84 -3.23 26.33 -7.70
CA THR A 84 -3.95 27.10 -8.69
C THR A 84 -4.26 26.09 -9.80
N GLU A 85 -5.21 26.37 -10.68
CA GLU A 85 -5.58 25.43 -11.73
C GLU A 85 -4.39 25.17 -12.67
N LYS A 86 -3.34 25.99 -12.56
CA LYS A 86 -2.18 25.93 -13.45
C LYS A 86 -1.03 25.21 -12.75
N THR A 87 -0.83 25.50 -11.46
CA THR A 87 0.39 25.13 -10.77
C THR A 87 0.09 24.60 -9.38
N LEU A 88 0.83 23.57 -8.97
CA LEU A 88 0.85 23.06 -7.60
C LEU A 88 2.14 23.51 -6.94
N TYR A 89 2.03 24.17 -5.78
CA TYR A 89 3.16 24.54 -4.98
C TYR A 89 3.18 23.65 -3.74
N LEU A 90 4.23 22.82 -3.63
CA LEU A 90 4.46 22.03 -2.43
C LEU A 90 5.60 22.67 -1.63
N VAL A 91 5.32 23.06 -0.37
CA VAL A 91 6.26 23.74 0.48
C VAL A 91 6.81 22.76 1.51
N MET A 92 8.15 22.58 1.50
CA MET A 92 8.82 21.53 2.26
C MET A 92 9.94 22.13 3.08
N GLU A 93 10.55 21.28 3.92
CA GLU A 93 11.82 21.53 4.57
C GLU A 93 12.91 21.75 3.55
N TYR A 94 13.86 22.64 3.85
CA TYR A 94 15.08 22.74 3.07
C TYR A 94 16.21 22.02 3.79
N ALA A 95 16.91 21.11 3.09
CA ALA A 95 18.09 20.46 3.63
C ALA A 95 19.31 21.31 3.35
N SER A 96 19.62 22.23 4.28
CA SER A 96 20.54 23.33 4.03
C SER A 96 21.92 22.83 3.59
N ALA A 97 22.42 21.77 4.25
CA ALA A 97 23.76 21.25 4.01
C ALA A 97 23.87 20.51 2.67
N GLY A 98 22.75 20.05 2.11
CA GLY A 98 22.77 19.45 0.79
C GLY A 98 22.95 17.94 0.83
N GLU A 99 23.40 17.39 -0.29
CA GLU A 99 23.48 15.96 -0.53
C GLU A 99 24.63 15.38 0.29
N VAL A 100 24.60 14.05 0.45
CA VAL A 100 25.53 13.35 1.31
C VAL A 100 26.81 13.01 0.53
N PHE A 101 26.70 12.74 -0.78
CA PHE A 101 27.86 12.30 -1.54
C PHE A 101 28.74 13.47 -1.97
N ASP A 102 28.17 14.68 -2.04
CA ASP A 102 28.98 15.89 -2.19
C ASP A 102 29.73 16.15 -0.89
N TYR A 103 29.25 15.56 0.23
CA TYR A 103 29.93 15.66 1.51
C TYR A 103 31.03 14.61 1.59
N LEU A 104 30.85 13.47 0.92
CA LEU A 104 31.77 12.35 1.00
C LEU A 104 32.95 12.53 0.04
N VAL A 105 32.73 13.24 -1.07
CA VAL A 105 33.80 13.60 -1.97
C VAL A 105 34.62 14.75 -1.36
N SER A 106 33.93 15.72 -0.76
CA SER A 106 34.56 16.94 -0.28
C SER A 106 35.28 16.68 1.04
N HIS A 107 34.58 16.04 1.97
CA HIS A 107 35.04 15.89 3.34
C HIS A 107 35.61 14.49 3.56
N GLY A 108 35.61 13.65 2.52
CA GLY A 108 36.16 12.30 2.59
C GLY A 108 35.17 11.30 3.22
N ARG A 109 35.66 10.09 3.52
CA ARG A 109 34.85 9.06 4.12
C ARG A 109 34.47 9.47 5.54
N MET A 110 33.48 8.77 6.12
CA MET A 110 33.06 9.00 7.50
C MET A 110 33.64 7.91 8.39
N LYS A 111 33.88 8.24 9.66
CA LYS A 111 34.31 7.25 10.64
C LYS A 111 33.08 6.44 11.08
N GLU A 112 33.30 5.18 11.43
CA GLU A 112 32.21 4.25 11.67
C GLU A 112 31.23 4.82 12.72
N LYS A 113 31.71 5.70 13.61
CA LYS A 113 30.83 6.32 14.58
C LYS A 113 29.82 7.23 13.87
N GLU A 114 30.34 8.11 13.01
CA GLU A 114 29.52 9.07 12.29
C GLU A 114 28.61 8.32 11.30
N ALA A 115 29.19 7.33 10.62
CA ALA A 115 28.44 6.53 9.66
C ALA A 115 27.28 5.86 10.38
N ARG A 116 27.55 5.31 11.56
CA ARG A 116 26.55 4.60 12.34
C ARG A 116 25.40 5.55 12.65
N ALA A 117 25.74 6.74 13.16
CA ALA A 117 24.76 7.75 13.52
C ALA A 117 23.80 8.01 12.36
N LYS A 118 24.38 8.31 11.19
CA LYS A 118 23.62 8.68 10.02
C LYS A 118 22.86 7.48 9.46
N PHE A 119 23.41 6.27 9.61
CA PHE A 119 22.78 5.11 9.00
C PHE A 119 21.62 4.62 9.87
N ARG A 120 21.62 5.02 11.14
CA ARG A 120 20.50 4.72 12.01
C ARG A 120 19.30 5.54 11.53
N GLN A 121 19.51 6.85 11.42
CA GLN A 121 18.49 7.78 10.96
C GLN A 121 17.87 7.28 9.66
N ILE A 122 18.71 6.81 8.72
CA ILE A 122 18.26 6.28 7.46
C ILE A 122 17.36 5.07 7.72
N VAL A 123 17.86 4.10 8.48
CA VAL A 123 17.17 2.84 8.65
C VAL A 123 15.84 3.08 9.39
N SER A 124 15.85 4.00 10.35
CA SER A 124 14.63 4.37 11.06
C SER A 124 13.58 4.88 10.07
N ALA A 125 13.98 5.82 9.23
CA ALA A 125 13.09 6.49 8.29
C ALA A 125 12.52 5.51 7.27
N VAL A 126 13.39 4.67 6.70
CA VAL A 126 12.98 3.76 5.64
C VAL A 126 12.05 2.69 6.21
N HIS A 127 12.31 2.25 7.45
CA HIS A 127 11.46 1.25 8.09
C HIS A 127 10.06 1.82 8.30
N TYR A 128 10.01 3.01 8.93
CA TYR A 128 8.76 3.70 9.22
C TYR A 128 7.92 3.81 7.95
N CYS A 129 8.59 4.10 6.84
CA CYS A 129 7.93 4.28 5.56
C CYS A 129 7.50 2.95 4.95
N HIS A 130 8.30 1.90 5.18
CA HIS A 130 7.92 0.54 4.77
C HIS A 130 6.71 0.09 5.58
N GLN A 131 6.67 0.51 6.85
CA GLN A 131 5.62 0.13 7.77
C GLN A 131 4.32 0.86 7.42
N LYS A 132 4.43 1.93 6.61
CA LYS A 132 3.29 2.55 5.96
C LYS A 132 3.28 2.20 4.47
N ASN A 133 3.76 1.00 4.15
CA ASN A 133 3.75 0.45 2.80
C ASN A 133 4.13 1.53 1.77
N ILE A 134 5.31 2.10 1.96
CA ILE A 134 5.90 3.01 0.98
C ILE A 134 7.30 2.49 0.68
N VAL A 135 7.61 2.42 -0.62
CA VAL A 135 8.94 2.05 -1.07
C VAL A 135 9.41 3.20 -1.97
N HIS A 136 10.63 3.71 -1.67
CA HIS A 136 11.24 4.75 -2.50
C HIS A 136 11.62 4.17 -3.86
N ARG A 137 12.34 3.04 -3.83
CA ARG A 137 12.76 2.32 -5.03
C ARG A 137 13.70 3.18 -5.89
N ASP A 138 14.09 4.36 -5.39
CA ASP A 138 14.99 5.23 -6.13
C ASP A 138 16.01 5.87 -5.18
N LEU A 139 16.14 5.33 -3.95
CA LEU A 139 17.10 5.84 -2.99
C LEU A 139 18.46 5.99 -3.67
N LYS A 140 19.07 7.17 -3.54
CA LYS A 140 20.28 7.50 -4.28
C LYS A 140 20.89 8.78 -3.70
N ALA A 141 21.92 9.28 -4.40
CA ALA A 141 22.74 10.38 -3.93
C ALA A 141 21.90 11.61 -3.64
N GLU A 142 20.89 11.84 -4.47
CA GLU A 142 20.20 13.11 -4.55
C GLU A 142 19.09 13.18 -3.50
N ASN A 143 18.55 12.03 -3.05
CA ASN A 143 17.48 12.02 -2.07
C ASN A 143 18.00 11.89 -0.63
N LEU A 144 19.28 11.55 -0.43
CA LEU A 144 19.88 11.57 0.90
C LEU A 144 20.51 12.93 1.13
N LEU A 145 19.95 13.67 2.09
CA LEU A 145 20.33 15.06 2.33
C LEU A 145 20.68 15.25 3.80
N LEU A 146 21.19 16.45 4.13
CA LEU A 146 21.56 16.79 5.48
C LEU A 146 21.05 18.17 5.86
N ASP A 147 20.51 18.29 7.06
CA ASP A 147 20.04 19.57 7.57
C ASP A 147 21.24 20.30 8.15
N ALA A 148 20.99 21.50 8.72
CA ALA A 148 22.04 22.34 9.26
C ALA A 148 22.83 21.57 10.31
N GLU A 149 22.11 20.80 11.13
CA GLU A 149 22.71 20.09 12.24
C GLU A 149 23.16 18.70 11.79
N ALA A 150 23.55 18.57 10.52
CA ALA A 150 24.14 17.36 9.99
C ALA A 150 23.26 16.13 10.25
N ASN A 151 21.95 16.26 10.00
CA ASN A 151 21.02 15.16 10.18
C ASN A 151 20.41 14.77 8.85
N ILE A 152 20.16 13.47 8.70
CA ILE A 152 19.67 12.95 7.44
C ILE A 152 18.30 13.54 7.17
N LYS A 153 18.08 13.85 5.90
CA LYS A 153 16.76 14.23 5.42
C LYS A 153 16.54 13.52 4.09
N ILE A 154 15.73 12.45 4.12
CA ILE A 154 15.40 11.73 2.90
C ILE A 154 14.24 12.43 2.21
N ALA A 155 14.36 12.58 0.89
CA ALA A 155 13.47 13.40 0.09
C ALA A 155 12.83 12.55 -1.02
N ASP A 156 11.69 13.02 -1.54
CA ASP A 156 11.04 12.42 -2.70
C ASP A 156 10.79 10.94 -2.45
N PHE A 157 10.77 10.57 -1.16
CA PHE A 157 10.42 9.23 -0.75
C PHE A 157 8.91 9.08 -0.85
N GLY A 158 8.45 8.34 -1.86
CA GLY A 158 7.02 8.12 -2.05
C GLY A 158 6.46 8.84 -3.27
N PHE A 159 7.25 9.71 -3.89
CA PHE A 159 6.94 10.23 -5.21
C PHE A 159 7.51 9.28 -6.26
N SER A 160 6.84 9.22 -7.42
CA SER A 160 7.30 8.45 -8.56
C SER A 160 7.64 9.41 -9.71
N ASN A 161 7.81 10.69 -9.35
CA ASN A 161 7.95 11.77 -10.31
C ASN A 161 9.29 11.64 -11.04
N GLU A 162 9.51 12.57 -11.97
CA GLU A 162 10.79 12.76 -12.60
C GLU A 162 11.72 13.48 -11.63
N PHE A 163 11.13 14.05 -10.57
CA PHE A 163 11.84 14.66 -9.45
C PHE A 163 12.56 15.89 -9.96
N THR A 164 13.78 16.14 -9.47
CA THR A 164 14.60 17.26 -9.93
C THR A 164 16.03 16.76 -10.19
N PRO A 176 21.19 3.86 -10.71
CA PRO A 176 21.92 2.76 -11.37
C PRO A 176 23.03 2.15 -10.52
N PRO A 177 23.89 2.94 -9.82
CA PRO A 177 24.78 2.37 -8.82
C PRO A 177 24.03 1.93 -7.56
N TYR A 178 23.12 2.78 -7.07
CA TYR A 178 22.43 2.56 -5.81
C TYR A 178 21.23 1.62 -5.99
N ALA A 179 21.09 1.06 -7.20
CA ALA A 179 19.97 0.18 -7.53
C ALA A 179 20.44 -1.27 -7.66
N ALA A 180 19.47 -2.18 -7.63
CA ALA A 180 19.70 -3.59 -7.38
C ALA A 180 20.15 -4.31 -8.66
N PRO A 181 20.60 -5.58 -8.56
CA PRO A 181 20.91 -6.39 -9.74
C PRO A 181 19.66 -6.94 -10.44
N GLU A 182 18.49 -6.82 -9.80
CA GLU A 182 17.22 -7.17 -10.41
C GLU A 182 16.90 -6.18 -11.52
N LEU A 183 17.01 -4.89 -11.18
CA LEU A 183 16.66 -3.80 -12.08
C LEU A 183 17.80 -3.59 -13.08
N GLY A 191 9.09 -5.57 -3.36
CA GLY A 191 9.05 -4.15 -2.96
C GLY A 191 10.23 -3.76 -2.07
N PRO A 192 10.23 -4.13 -0.76
CA PRO A 192 11.20 -3.58 0.20
C PRO A 192 12.65 -3.95 -0.08
N GLU A 193 12.85 -5.04 -0.82
CA GLU A 193 14.18 -5.55 -1.12
C GLU A 193 14.94 -4.64 -2.08
N VAL A 194 14.22 -3.83 -2.87
CA VAL A 194 14.85 -2.90 -3.80
C VAL A 194 15.60 -1.83 -3.03
N ASP A 195 15.09 -1.50 -1.83
CA ASP A 195 15.69 -0.49 -0.97
C ASP A 195 16.75 -1.10 -0.06
N ILE A 196 16.59 -2.38 0.34
CA ILE A 196 17.55 -3.06 1.21
C ILE A 196 18.91 -3.04 0.54
N TRP A 197 18.97 -3.52 -0.71
CA TRP A 197 20.15 -3.37 -1.53
C TRP A 197 20.65 -1.93 -1.44
N SER A 198 19.77 -0.98 -1.78
CA SER A 198 20.15 0.43 -1.85
C SER A 198 20.81 0.88 -0.54
N LEU A 199 20.26 0.47 0.60
CA LEU A 199 20.81 0.83 1.89
C LEU A 199 22.23 0.27 2.04
N GLY A 200 22.44 -0.96 1.54
CA GLY A 200 23.75 -1.60 1.60
C GLY A 200 24.82 -0.80 0.87
N VAL A 201 24.47 -0.32 -0.33
CA VAL A 201 25.35 0.50 -1.14
C VAL A 201 25.66 1.78 -0.38
N ILE A 202 24.63 2.39 0.23
CA ILE A 202 24.77 3.66 0.92
C ILE A 202 25.70 3.46 2.12
N LEU A 203 25.50 2.38 2.87
CA LEU A 203 26.35 2.09 4.01
C LEU A 203 27.80 2.05 3.54
N TYR A 204 28.05 1.33 2.44
CA TYR A 204 29.40 1.19 1.90
C TYR A 204 29.97 2.59 1.62
N THR A 205 29.21 3.41 0.92
CA THR A 205 29.67 4.74 0.54
C THR A 205 29.97 5.57 1.79
N LEU A 206 29.16 5.40 2.84
CA LEU A 206 29.36 6.15 4.07
C LEU A 206 30.72 5.83 4.69
N VAL A 207 31.03 4.53 4.85
CA VAL A 207 32.21 4.11 5.59
C VAL A 207 33.45 4.23 4.71
N SER A 208 33.31 3.81 3.45
CA SER A 208 34.40 3.77 2.49
C SER A 208 34.65 5.16 1.92
N GLY A 209 33.56 5.86 1.57
CA GLY A 209 33.66 7.20 0.98
C GLY A 209 33.52 7.17 -0.54
N SER A 210 33.53 5.96 -1.13
CA SER A 210 33.45 5.79 -2.57
C SER A 210 32.28 4.86 -2.89
N LEU A 211 31.84 4.89 -4.15
CA LEU A 211 30.78 4.00 -4.60
C LEU A 211 31.31 2.57 -4.67
N PRO A 212 30.47 1.55 -4.38
CA PRO A 212 30.90 0.15 -4.54
C PRO A 212 30.97 -0.25 -6.02
N PHE A 213 29.96 0.17 -6.79
CA PHE A 213 29.81 -0.19 -8.19
C PHE A 213 29.75 1.08 -9.03
N ASP A 214 30.93 1.60 -9.40
CA ASP A 214 31.05 2.84 -10.15
C ASP A 214 31.56 2.51 -11.55
N GLY A 215 32.06 3.52 -12.28
CA GLY A 215 32.74 3.29 -13.54
C GLY A 215 32.58 4.47 -14.50
N HIS A 216 32.75 4.19 -15.79
CA HIS A 216 32.61 5.18 -16.84
C HIS A 216 31.24 5.00 -17.52
N ASN A 217 31.11 3.93 -18.31
CA ASN A 217 29.90 3.66 -19.07
C ASN A 217 28.95 2.82 -18.20
N LEU A 218 27.73 2.59 -18.71
CA LEU A 218 26.68 1.93 -17.95
C LEU A 218 26.64 0.44 -18.26
N LYS A 219 27.37 -0.01 -19.29
CA LYS A 219 27.56 -1.43 -19.54
C LYS A 219 28.60 -1.99 -18.56
N GLU A 220 29.40 -1.08 -17.98
CA GLU A 220 30.38 -1.41 -16.97
C GLU A 220 29.71 -1.59 -15.61
N LEU A 221 28.83 -0.65 -15.24
CA LEU A 221 28.19 -0.64 -13.93
C LEU A 221 27.29 -1.85 -13.74
N ARG A 222 26.87 -2.51 -14.82
CA ARG A 222 26.11 -3.75 -14.69
C ARG A 222 27.03 -4.85 -14.17
N GLU A 223 28.18 -5.05 -14.83
CA GLU A 223 29.08 -6.14 -14.50
C GLU A 223 29.41 -6.14 -13.01
N ARG A 224 29.67 -4.95 -12.45
CA ARG A 224 30.11 -4.79 -11.08
C ARG A 224 28.96 -4.99 -10.09
N VAL A 225 27.79 -4.38 -10.40
CA VAL A 225 26.62 -4.44 -9.53
C VAL A 225 26.11 -5.89 -9.52
N LEU A 226 26.18 -6.56 -10.67
CA LEU A 226 25.57 -7.87 -10.85
C LEU A 226 26.39 -8.94 -10.13
N ARG A 227 27.72 -8.74 -10.08
CA ARG A 227 28.60 -9.59 -9.29
C ARG A 227 28.49 -9.25 -7.81
N GLY A 228 28.18 -7.98 -7.52
CA GLY A 228 28.06 -7.52 -6.14
C GLY A 228 29.41 -7.45 -5.44
N LYS A 229 30.48 -7.81 -6.15
CA LYS A 229 31.80 -7.87 -5.58
C LYS A 229 32.31 -6.45 -5.41
N TYR A 230 32.64 -6.11 -4.16
CA TYR A 230 33.21 -4.82 -3.82
C TYR A 230 34.61 -5.06 -3.28
N ARG A 231 35.30 -3.97 -2.93
CA ARG A 231 36.58 -4.05 -2.23
C ARG A 231 36.35 -3.68 -0.77
N VAL A 232 36.98 -4.41 0.15
CA VAL A 232 36.86 -4.14 1.57
C VAL A 232 38.12 -3.40 2.02
N PRO A 233 38.09 -2.07 2.18
CA PRO A 233 39.27 -1.33 2.66
C PRO A 233 39.72 -1.80 4.03
N PHE A 234 41.01 -1.60 4.32
CA PHE A 234 41.64 -2.09 5.52
C PHE A 234 41.01 -1.48 6.77
N TYR A 235 40.46 -0.26 6.64
CA TYR A 235 39.96 0.49 7.79
C TYR A 235 38.53 0.09 8.14
N MET A 236 37.85 -0.63 7.25
CA MET A 236 36.50 -1.08 7.52
C MET A 236 36.56 -2.23 8.53
N SER A 237 35.70 -2.17 9.56
CA SER A 237 35.70 -3.16 10.63
C SER A 237 35.11 -4.47 10.14
N THR A 238 35.36 -5.54 10.90
CA THR A 238 34.83 -6.85 10.59
C THR A 238 33.32 -6.82 10.80
N ASP A 239 32.88 -6.14 11.88
CA ASP A 239 31.46 -6.01 12.19
C ASP A 239 30.76 -5.28 11.04
N CYS A 240 31.38 -4.20 10.55
CA CYS A 240 30.84 -3.44 9.45
C CYS A 240 30.74 -4.31 8.18
N GLU A 241 31.81 -5.06 7.86
CA GLU A 241 31.79 -5.98 6.72
C GLU A 241 30.61 -6.94 6.86
N SER A 242 30.39 -7.44 8.09
CA SER A 242 29.40 -8.46 8.37
C SER A 242 27.99 -7.94 8.08
N ILE A 243 27.70 -6.73 8.54
CA ILE A 243 26.39 -6.15 8.35
C ILE A 243 26.22 -5.81 6.87
N LEU A 244 27.31 -5.44 6.19
CA LEU A 244 27.25 -5.14 4.76
C LEU A 244 26.76 -6.35 3.97
N ARG A 245 27.08 -7.55 4.46
CA ARG A 245 26.76 -8.78 3.76
C ARG A 245 25.25 -9.02 3.86
N ARG A 246 24.68 -8.66 5.02
CA ARG A 246 23.26 -8.84 5.29
C ARG A 246 22.44 -8.05 4.26
N PHE A 247 22.91 -6.86 3.90
CA PHE A 247 22.22 -5.97 2.98
C PHE A 247 22.41 -6.44 1.54
N LEU A 248 23.67 -6.60 1.12
CA LEU A 248 24.00 -6.86 -0.27
C LEU A 248 24.02 -8.37 -0.53
N VAL A 249 22.88 -9.05 -0.35
CA VAL A 249 22.73 -10.42 -0.79
C VAL A 249 22.16 -10.39 -2.21
N LEU A 250 22.70 -11.24 -3.10
CA LEU A 250 22.36 -11.18 -4.52
C LEU A 250 20.96 -11.77 -4.77
N ASN A 251 20.50 -12.65 -3.88
CA ASN A 251 19.11 -13.10 -3.89
C ASN A 251 18.31 -12.28 -2.88
N PRO A 252 17.36 -11.42 -3.34
CA PRO A 252 16.51 -10.66 -2.42
C PRO A 252 15.79 -11.54 -1.41
N ALA A 253 15.57 -12.80 -1.80
CA ALA A 253 14.85 -13.80 -1.02
C ALA A 253 15.52 -14.07 0.32
N LYS A 254 16.85 -13.92 0.37
CA LYS A 254 17.61 -14.21 1.57
C LYS A 254 18.03 -12.93 2.29
N ARG A 255 17.82 -11.76 1.66
CA ARG A 255 18.22 -10.49 2.24
C ARG A 255 17.53 -10.32 3.59
N CYS A 256 18.19 -9.59 4.49
CA CYS A 256 17.73 -9.45 5.87
C CYS A 256 16.67 -8.35 5.94
N THR A 257 15.75 -8.47 6.90
CA THR A 257 14.67 -7.52 7.06
C THR A 257 15.15 -6.39 7.98
N LEU A 258 14.71 -5.16 7.69
CA LEU A 258 15.06 -4.01 8.49
C LEU A 258 14.71 -4.24 9.95
N GLU A 259 13.61 -4.96 10.20
CA GLU A 259 13.21 -5.32 11.56
C GLU A 259 14.40 -5.97 12.26
N GLN A 260 15.02 -6.93 11.57
CA GLN A 260 16.14 -7.68 12.11
C GLN A 260 17.38 -6.80 12.16
N ILE A 261 17.70 -6.15 11.03
CA ILE A 261 18.96 -5.43 10.88
C ILE A 261 19.07 -4.30 11.90
N MET A 262 17.95 -3.92 12.54
CA MET A 262 17.97 -2.92 13.59
C MET A 262 18.64 -3.47 14.84
N LYS A 263 18.74 -4.81 14.92
CA LYS A 263 19.30 -5.50 16.07
C LYS A 263 20.78 -5.85 15.83
N ASP A 264 21.27 -5.63 14.61
CA ASP A 264 22.65 -5.90 14.26
C ASP A 264 23.56 -5.29 15.32
N LYS A 265 24.71 -5.96 15.56
CA LYS A 265 25.65 -5.52 16.58
C LYS A 265 26.26 -4.18 16.14
N TRP A 266 26.65 -4.10 14.87
CA TRP A 266 27.34 -2.94 14.37
C TRP A 266 26.48 -1.70 14.58
N ILE A 267 25.20 -1.80 14.21
CA ILE A 267 24.29 -0.66 14.18
C ILE A 267 24.15 -0.08 15.60
N ASN A 268 24.40 -0.88 16.64
CA ASN A 268 24.12 -0.43 18.00
C ASN A 268 25.38 -0.31 18.86
N ILE A 269 26.56 -0.13 18.23
CA ILE A 269 27.76 0.15 18.99
C ILE A 269 27.74 1.62 19.41
N GLY A 270 27.81 1.86 20.72
CA GLY A 270 27.79 3.21 21.27
C GLY A 270 26.38 3.61 21.70
N TYR A 271 25.43 2.72 21.40
CA TYR A 271 24.02 2.92 21.72
C TYR A 271 23.56 1.70 22.52
N GLU A 272 24.10 1.54 23.73
CA GLU A 272 23.95 0.31 24.49
C GLU A 272 22.53 0.20 25.04
N GLY A 273 22.12 1.22 25.80
CA GLY A 273 20.76 1.30 26.30
C GLY A 273 19.84 2.09 25.36
N GLU A 274 20.23 2.17 24.09
CA GLU A 274 19.48 2.89 23.09
C GLU A 274 19.42 2.04 21.82
N GLU A 275 19.19 0.74 21.96
CA GLU A 275 19.06 -0.13 20.80
C GLU A 275 18.01 0.45 19.86
N LEU A 276 18.36 0.53 18.57
CA LEU A 276 17.50 1.10 17.55
C LEU A 276 16.17 0.38 17.56
N LYS A 277 15.08 1.16 17.57
CA LYS A 277 13.71 0.67 17.53
C LYS A 277 12.99 1.30 16.35
N PRO A 278 11.91 0.67 15.82
CA PRO A 278 11.06 1.30 14.81
C PRO A 278 10.50 2.62 15.33
N TYR A 279 10.50 3.64 14.46
CA TYR A 279 10.02 4.96 14.85
C TYR A 279 8.52 4.87 15.06
N THR A 280 8.05 5.39 16.20
CA THR A 280 6.62 5.59 16.43
C THR A 280 6.37 7.08 16.53
N GLU A 281 5.26 7.53 15.94
CA GLU A 281 4.99 8.95 15.76
C GLU A 281 4.63 9.58 17.10
N PRO A 282 4.88 10.90 17.28
CA PRO A 282 4.45 11.60 18.48
C PRO A 282 2.94 11.86 18.48
N GLU A 283 2.40 12.19 19.65
CA GLU A 283 1.01 12.59 19.77
C GLU A 283 0.85 13.93 19.06
N GLU A 284 -0.39 14.28 18.71
CA GLU A 284 -0.69 15.60 18.16
C GLU A 284 -0.45 16.63 19.27
N ASP A 285 0.18 17.75 18.92
CA ASP A 285 0.34 18.87 19.84
C ASP A 285 -0.18 20.14 19.17
N PHE A 286 -1.50 20.19 19.00
CA PHE A 286 -2.16 21.25 18.26
C PHE A 286 -2.57 22.39 19.19
N GLY A 287 -2.22 22.30 20.48
CA GLY A 287 -2.70 23.26 21.47
C GLY A 287 -1.59 24.07 22.12
N ASP A 288 -0.54 24.43 21.35
CA ASP A 288 0.52 25.26 21.89
C ASP A 288 0.05 26.71 21.93
N THR A 289 -0.34 27.13 23.14
CA THR A 289 -0.97 28.44 23.34
C THR A 289 -0.02 29.55 22.89
N LYS A 290 1.28 29.39 23.15
CA LYS A 290 2.27 30.43 22.88
C LYS A 290 2.35 30.68 21.38
N ARG A 291 2.34 29.61 20.59
CA ARG A 291 2.32 29.72 19.15
C ARG A 291 1.01 30.35 18.68
N ILE A 292 -0.09 29.91 19.28
CA ILE A 292 -1.41 30.39 18.88
C ILE A 292 -1.52 31.89 19.16
N GLU A 293 -1.01 32.34 20.32
CA GLU A 293 -0.98 33.76 20.64
C GLU A 293 -0.32 34.55 19.52
N VAL A 294 0.84 34.06 19.07
CA VAL A 294 1.61 34.68 18.01
C VAL A 294 0.78 34.71 16.73
N MET A 295 0.13 33.58 16.42
CA MET A 295 -0.67 33.44 15.20
C MET A 295 -1.89 34.35 15.29
N VAL A 296 -2.45 34.49 16.49
CA VAL A 296 -3.55 35.41 16.72
C VAL A 296 -3.06 36.84 16.44
N GLY A 297 -1.84 37.14 16.91
CA GLY A 297 -1.20 38.41 16.64
C GLY A 297 -0.85 38.61 15.17
N MET A 298 -0.86 37.53 14.38
CA MET A 298 -0.58 37.60 12.95
C MET A 298 -1.86 37.88 12.16
N GLY A 299 -3.02 37.74 12.82
CA GLY A 299 -4.31 38.07 12.23
C GLY A 299 -5.25 36.86 12.14
N TYR A 300 -4.74 35.67 12.43
CA TYR A 300 -5.54 34.46 12.40
C TYR A 300 -6.47 34.46 13.61
N THR A 301 -7.43 33.54 13.63
CA THR A 301 -8.37 33.42 14.74
C THR A 301 -8.23 32.05 15.38
N ARG A 302 -8.80 31.90 16.59
CA ARG A 302 -8.69 30.68 17.37
C ARG A 302 -9.42 29.55 16.65
N GLU A 303 -10.53 29.92 16.01
CA GLU A 303 -11.40 29.00 15.31
C GLU A 303 -10.70 28.54 14.03
N GLU A 304 -10.17 29.51 13.27
CA GLU A 304 -9.42 29.23 12.06
C GLU A 304 -8.30 28.24 12.38
N ILE A 305 -7.60 28.49 13.49
CA ILE A 305 -6.45 27.70 13.88
C ILE A 305 -6.92 26.29 14.24
N LYS A 306 -7.96 26.19 15.08
CA LYS A 306 -8.43 24.89 15.49
C LYS A 306 -8.92 24.10 14.28
N GLU A 307 -9.81 24.71 13.49
CA GLU A 307 -10.39 24.03 12.34
C GLU A 307 -9.27 23.50 11.45
N SER A 308 -8.25 24.34 11.23
CA SER A 308 -7.21 24.07 10.24
C SER A 308 -6.29 22.94 10.67
N LEU A 309 -5.91 22.91 11.96
CA LEU A 309 -4.95 21.93 12.44
C LEU A 309 -5.60 20.54 12.52
N THR A 310 -6.86 20.51 12.95
CA THR A 310 -7.61 19.26 13.06
C THR A 310 -7.84 18.65 11.67
N SER A 311 -8.44 19.43 10.76
CA SER A 311 -8.78 18.94 9.42
C SER A 311 -7.52 18.59 8.62
N GLN A 312 -6.36 19.16 9.01
CA GLN A 312 -5.07 18.86 8.39
C GLN A 312 -5.17 19.12 6.89
N LYS A 313 -5.53 20.36 6.53
CA LYS A 313 -5.74 20.73 5.14
C LYS A 313 -4.50 21.41 4.57
N TYR A 314 -3.43 21.50 5.38
CA TYR A 314 -2.13 22.00 4.97
C TYR A 314 -2.26 23.37 4.29
N ASN A 315 -2.99 24.28 4.94
CA ASN A 315 -3.23 25.63 4.45
C ASN A 315 -2.22 26.59 5.09
N GLU A 316 -2.38 27.89 4.82
CA GLU A 316 -1.51 28.93 5.34
C GLU A 316 -1.40 28.83 6.86
N VAL A 317 -2.47 28.36 7.52
CA VAL A 317 -2.56 28.38 8.96
C VAL A 317 -1.76 27.20 9.54
N THR A 318 -1.97 26.01 8.99
CA THR A 318 -1.25 24.82 9.43
C THR A 318 0.25 25.01 9.24
N ALA A 319 0.64 25.53 8.06
CA ALA A 319 2.02 25.84 7.76
C ALA A 319 2.61 26.75 8.83
N THR A 320 1.92 27.87 9.10
CA THR A 320 2.42 28.87 10.02
C THR A 320 2.58 28.29 11.42
N TYR A 321 1.74 27.31 11.78
CA TYR A 321 1.84 26.70 13.08
C TYR A 321 3.11 25.86 13.16
N LEU A 322 3.38 25.08 12.10
CA LEU A 322 4.50 24.15 12.07
C LEU A 322 5.82 24.91 12.04
N LEU A 323 5.91 25.92 11.18
CA LEU A 323 7.11 26.74 11.06
C LEU A 323 7.41 27.45 12.38
N LEU A 324 6.36 27.83 13.12
CA LEU A 324 6.54 28.57 14.36
C LEU A 324 7.15 27.67 15.44
N GLY A 325 7.18 26.36 15.20
CA GLY A 325 7.78 25.44 16.16
C GLY A 325 9.05 24.78 15.63
N ARG A 326 9.56 25.28 14.49
CA ARG A 326 10.63 24.62 13.77
C ARG A 326 11.97 24.90 14.46
N LYS A 327 12.23 26.18 14.74
CA LYS A 327 13.57 26.72 14.96
C LYS A 327 14.26 26.87 13.59
N PRO B 11 -7.62 -32.28 -20.14
CA PRO B 11 -8.21 -33.12 -19.08
C PRO B 11 -7.63 -32.89 -17.68
N HIS B 12 -6.30 -32.73 -17.55
CA HIS B 12 -5.65 -32.66 -16.25
C HIS B 12 -4.71 -31.46 -16.15
N VAL B 13 -4.72 -30.84 -14.97
CA VAL B 13 -3.72 -29.87 -14.55
C VAL B 13 -3.50 -30.06 -13.05
N GLY B 14 -2.24 -30.06 -12.60
CA GLY B 14 -1.95 -30.26 -11.19
C GLY B 14 -2.54 -31.58 -10.70
N ASN B 15 -3.16 -31.55 -9.52
CA ASN B 15 -3.95 -32.68 -9.03
C ASN B 15 -5.44 -32.43 -9.29
N TYR B 16 -5.75 -31.77 -10.42
CA TYR B 16 -7.10 -31.34 -10.73
C TYR B 16 -7.53 -31.89 -12.08
N ARG B 17 -8.61 -32.67 -12.08
CA ARG B 17 -9.32 -33.02 -13.30
C ARG B 17 -10.18 -31.82 -13.71
N LEU B 18 -10.08 -31.43 -14.99
CA LEU B 18 -10.83 -30.30 -15.55
C LEU B 18 -12.16 -30.80 -16.11
N LEU B 19 -13.22 -30.04 -15.80
CA LEU B 19 -14.57 -30.38 -16.20
C LEU B 19 -14.97 -29.52 -17.40
N ARG B 20 -15.32 -28.27 -17.14
CA ARG B 20 -16.04 -27.47 -18.11
C ARG B 20 -15.66 -26.00 -17.92
N THR B 21 -15.53 -25.27 -19.04
CA THR B 21 -15.20 -23.86 -19.01
C THR B 21 -16.40 -23.08 -18.48
N ILE B 22 -16.14 -22.01 -17.74
CA ILE B 22 -17.20 -21.23 -17.12
C ILE B 22 -16.82 -19.75 -17.15
N GLY B 23 -16.36 -19.27 -18.32
CA GLY B 23 -15.95 -17.89 -18.46
C GLY B 23 -14.72 -17.74 -19.35
N LYS B 24 -14.63 -16.60 -20.04
CA LYS B 24 -13.53 -16.32 -20.95
C LYS B 24 -13.33 -14.81 -21.06
N GLY B 25 -12.48 -14.26 -20.18
CA GLY B 25 -12.08 -12.86 -20.25
C GLY B 25 -11.04 -12.62 -21.34
N ASN B 26 -10.21 -11.58 -21.20
CA ASN B 26 -9.33 -11.16 -22.27
C ASN B 26 -8.09 -12.05 -22.39
N PHE B 27 -7.33 -12.18 -21.29
CA PHE B 27 -6.15 -13.04 -21.27
C PHE B 27 -6.33 -14.19 -20.28
N ALA B 28 -7.54 -14.29 -19.70
CA ALA B 28 -7.84 -15.24 -18.65
C ALA B 28 -9.11 -16.03 -18.97
N LYS B 29 -9.13 -17.29 -18.54
CA LYS B 29 -10.23 -18.21 -18.75
C LYS B 29 -10.39 -19.02 -17.46
N VAL B 30 -11.63 -19.14 -16.96
CA VAL B 30 -11.91 -19.89 -15.75
C VAL B 30 -12.51 -21.24 -16.12
N LYS B 31 -12.01 -22.30 -15.48
CA LYS B 31 -12.52 -23.64 -15.71
C LYS B 31 -12.91 -24.26 -14.39
N LEU B 32 -14.05 -24.94 -14.38
CA LEU B 32 -14.49 -25.72 -13.23
C LEU B 32 -13.70 -27.02 -13.23
N ALA B 33 -13.38 -27.50 -12.03
CA ALA B 33 -12.46 -28.61 -11.88
C ALA B 33 -12.79 -29.38 -10.60
N ARG B 34 -12.05 -30.49 -10.43
CA ARG B 34 -12.31 -31.43 -9.35
C ARG B 34 -10.96 -31.91 -8.83
N HIS B 35 -10.62 -31.53 -7.60
CA HIS B 35 -9.38 -31.96 -6.97
C HIS B 35 -9.42 -33.47 -6.78
N ILE B 36 -8.42 -34.15 -7.36
CA ILE B 36 -8.42 -35.61 -7.39
C ILE B 36 -8.27 -36.16 -5.98
N LEU B 37 -7.32 -35.59 -5.22
CA LEU B 37 -6.95 -36.16 -3.93
C LEU B 37 -8.14 -36.15 -2.98
N THR B 38 -8.76 -34.96 -2.86
CA THR B 38 -9.80 -34.70 -1.88
C THR B 38 -11.20 -34.91 -2.45
N GLY B 39 -11.34 -34.76 -3.77
CA GLY B 39 -12.63 -34.84 -4.43
C GLY B 39 -13.33 -33.47 -4.55
N ARG B 40 -12.89 -32.48 -3.77
CA ARG B 40 -13.60 -31.22 -3.67
C ARG B 40 -13.61 -30.51 -5.02
N GLU B 41 -14.49 -29.51 -5.11
CA GLU B 41 -14.78 -28.81 -6.34
C GLU B 41 -14.18 -27.40 -6.26
N VAL B 42 -13.61 -26.97 -7.38
CA VAL B 42 -12.86 -25.73 -7.42
C VAL B 42 -13.04 -25.04 -8.77
N ALA B 43 -12.71 -23.75 -8.79
CA ALA B 43 -12.62 -22.98 -10.01
C ALA B 43 -11.16 -22.58 -10.22
N ILE B 44 -10.72 -22.54 -11.48
CA ILE B 44 -9.34 -22.29 -11.82
C ILE B 44 -9.25 -21.19 -12.88
N LYS B 45 -8.73 -20.02 -12.48
CA LYS B 45 -8.36 -18.98 -13.41
C LYS B 45 -7.05 -19.36 -14.09
N ILE B 46 -7.08 -19.40 -15.43
CA ILE B 46 -5.94 -19.74 -16.27
C ILE B 46 -5.54 -18.51 -17.06
N ILE B 47 -4.39 -17.91 -16.71
CA ILE B 47 -3.94 -16.68 -17.33
C ILE B 47 -2.71 -16.98 -18.16
N ASP B 48 -2.76 -16.66 -19.47
CA ASP B 48 -1.61 -16.85 -20.34
C ASP B 48 -0.84 -15.53 -20.38
N LYS B 49 0.26 -15.48 -19.62
CA LYS B 49 1.14 -14.33 -19.62
C LYS B 49 1.86 -14.23 -20.96
N THR B 50 1.92 -15.35 -21.69
CA THR B 50 2.40 -15.39 -23.06
C THR B 50 2.16 -14.05 -23.76
N GLN B 51 0.92 -13.55 -23.71
CA GLN B 51 0.54 -12.32 -24.41
C GLN B 51 0.34 -11.17 -23.43
N LEU B 52 1.23 -11.02 -22.44
CA LEU B 52 1.13 -9.93 -21.49
C LEU B 52 2.48 -9.21 -21.35
N ASN B 53 2.41 -7.89 -21.16
CA ASN B 53 3.56 -7.05 -20.92
C ASN B 53 4.26 -7.47 -19.63
N PRO B 54 5.56 -7.85 -19.66
CA PRO B 54 6.30 -8.19 -18.45
C PRO B 54 6.22 -7.18 -17.30
N SER B 55 5.90 -5.91 -17.60
CA SER B 55 5.65 -4.91 -16.57
C SER B 55 4.33 -5.18 -15.84
N SER B 56 3.37 -5.81 -16.52
CA SER B 56 2.08 -6.14 -15.94
C SER B 56 2.21 -7.33 -14.98
N LEU B 57 3.11 -8.27 -15.28
CA LEU B 57 3.36 -9.42 -14.41
C LEU B 57 3.85 -8.95 -13.03
N GLN B 58 4.59 -7.83 -13.01
CA GLN B 58 5.01 -7.21 -11.76
C GLN B 58 3.79 -6.81 -10.93
N LYS B 59 2.68 -6.49 -11.60
CA LYS B 59 1.44 -6.18 -10.90
C LYS B 59 0.58 -7.44 -10.73
N LEU B 60 0.67 -8.41 -11.67
CA LEU B 60 -0.10 -9.64 -11.56
C LEU B 60 0.29 -10.37 -10.27
N PHE B 61 1.59 -10.65 -10.13
CA PHE B 61 2.09 -11.40 -9.00
C PHE B 61 1.92 -10.57 -7.71
N ARG B 62 2.14 -9.25 -7.80
CA ARG B 62 1.90 -8.36 -6.68
C ARG B 62 0.48 -8.55 -6.15
N GLU B 63 -0.49 -8.67 -7.08
CA GLU B 63 -1.88 -8.88 -6.70
C GLU B 63 -2.06 -10.29 -6.13
N VAL B 64 -1.36 -11.28 -6.72
CA VAL B 64 -1.43 -12.66 -6.24
C VAL B 64 -0.91 -12.72 -4.80
N ARG B 65 0.02 -11.81 -4.45
CA ARG B 65 0.52 -11.77 -3.08
C ARG B 65 -0.61 -11.37 -2.14
N ILE B 66 -1.30 -10.28 -2.47
CA ILE B 66 -2.41 -9.78 -1.68
C ILE B 66 -3.50 -10.85 -1.56
N MET B 67 -3.79 -11.53 -2.68
CA MET B 67 -4.87 -12.51 -2.74
C MET B 67 -4.65 -13.64 -1.73
N LYS B 68 -3.38 -14.01 -1.50
CA LYS B 68 -3.02 -15.05 -0.55
C LYS B 68 -3.32 -14.60 0.88
N GLY B 69 -3.29 -13.28 1.09
CA GLY B 69 -3.49 -12.69 2.41
C GLY B 69 -4.97 -12.53 2.77
N LEU B 70 -5.82 -12.51 1.74
CA LEU B 70 -7.26 -12.50 1.91
C LEU B 70 -7.69 -13.80 2.56
N ASN B 71 -8.29 -13.69 3.75
CA ASN B 71 -8.86 -14.84 4.44
C ASN B 71 -10.16 -14.43 5.14
N HIS B 72 -11.25 -14.43 4.37
CA HIS B 72 -12.54 -13.95 4.82
C HIS B 72 -13.62 -14.92 4.33
N PRO B 73 -14.70 -15.15 5.11
CA PRO B 73 -15.74 -16.11 4.72
C PRO B 73 -16.55 -15.72 3.49
N ASN B 74 -16.44 -14.47 3.05
CA ASN B 74 -17.23 -13.97 1.93
C ASN B 74 -16.29 -13.35 0.89
N ILE B 75 -15.06 -13.89 0.82
CA ILE B 75 -14.13 -13.57 -0.26
C ILE B 75 -13.53 -14.86 -0.78
N VAL B 76 -13.50 -14.97 -2.11
CA VAL B 76 -12.99 -16.15 -2.78
C VAL B 76 -11.56 -16.42 -2.32
N LYS B 77 -11.37 -17.55 -1.64
CA LYS B 77 -10.06 -17.96 -1.13
C LYS B 77 -9.25 -18.64 -2.23
N LEU B 78 -7.95 -18.32 -2.23
CA LEU B 78 -6.98 -18.98 -3.09
C LEU B 78 -6.55 -20.28 -2.42
N PHE B 79 -6.36 -21.33 -3.24
CA PHE B 79 -6.01 -22.65 -2.72
C PHE B 79 -4.61 -23.07 -3.16
N GLU B 80 -4.38 -23.11 -4.48
CA GLU B 80 -3.16 -23.64 -5.06
C GLU B 80 -2.72 -22.69 -6.19
N VAL B 81 -1.41 -22.51 -6.33
CA VAL B 81 -0.83 -21.79 -7.46
C VAL B 81 0.02 -22.78 -8.23
N ILE B 82 -0.16 -22.80 -9.56
CA ILE B 82 0.58 -23.67 -10.45
C ILE B 82 1.10 -22.80 -11.58
N GLU B 83 2.43 -22.67 -11.66
CA GLU B 83 3.08 -21.86 -12.68
C GLU B 83 3.76 -22.80 -13.68
N THR B 84 3.72 -22.43 -14.96
CA THR B 84 4.48 -23.11 -15.99
C THR B 84 5.32 -22.12 -16.79
N GLU B 85 5.40 -20.88 -16.30
CA GLU B 85 6.15 -19.82 -16.94
C GLU B 85 5.48 -19.37 -18.25
N LYS B 86 4.57 -20.20 -18.81
CA LYS B 86 3.74 -19.82 -19.94
C LYS B 86 2.33 -19.45 -19.45
N THR B 87 1.86 -20.24 -18.47
CA THR B 87 0.53 -20.11 -17.93
C THR B 87 0.60 -20.14 -16.41
N LEU B 88 -0.23 -19.29 -15.79
CA LEU B 88 -0.43 -19.29 -14.36
C LEU B 88 -1.80 -19.89 -14.08
N TYR B 89 -1.84 -20.88 -13.19
CA TYR B 89 -3.09 -21.49 -12.77
C TYR B 89 -3.36 -21.05 -11.34
N LEU B 90 -4.43 -20.28 -11.15
CA LEU B 90 -4.89 -19.90 -9.83
C LEU B 90 -6.13 -20.72 -9.49
N VAL B 91 -6.05 -21.48 -8.38
CA VAL B 91 -7.12 -22.39 -7.97
C VAL B 91 -7.85 -21.79 -6.79
N MET B 92 -9.17 -21.57 -6.96
CA MET B 92 -9.99 -20.81 -6.03
C MET B 92 -11.22 -21.61 -5.66
N GLU B 93 -12.00 -21.11 -4.71
CA GLU B 93 -13.30 -21.71 -4.43
C GLU B 93 -14.27 -21.34 -5.55
N TYR B 94 -15.25 -22.23 -5.75
CA TYR B 94 -16.27 -22.05 -6.77
C TYR B 94 -17.55 -21.52 -6.11
N ALA B 95 -18.09 -20.43 -6.64
CA ALA B 95 -19.35 -19.89 -6.16
C ALA B 95 -20.48 -20.53 -6.96
N SER B 96 -21.00 -21.65 -6.43
CA SER B 96 -21.87 -22.57 -7.13
C SER B 96 -23.04 -21.86 -7.81
N ALA B 97 -23.73 -20.99 -7.06
CA ALA B 97 -24.78 -20.13 -7.60
C ALA B 97 -24.14 -18.82 -8.11
N GLY B 98 -23.72 -18.82 -9.38
CA GLY B 98 -22.94 -17.72 -9.91
C GLY B 98 -23.75 -16.42 -10.05
N GLU B 99 -23.26 -15.36 -9.39
CA GLU B 99 -23.71 -13.99 -9.61
C GLU B 99 -25.06 -13.73 -8.95
N VAL B 100 -25.14 -12.54 -8.35
CA VAL B 100 -26.25 -12.16 -7.50
C VAL B 100 -27.34 -11.51 -8.33
N PHE B 101 -26.97 -10.79 -9.39
CA PHE B 101 -27.93 -10.07 -10.22
C PHE B 101 -28.67 -11.01 -11.16
N ASP B 102 -28.05 -12.14 -11.54
CA ASP B 102 -28.76 -13.18 -12.26
C ASP B 102 -29.76 -13.86 -11.32
N TYR B 103 -29.54 -13.71 -10.01
CA TYR B 103 -30.47 -14.25 -9.02
C TYR B 103 -31.62 -13.25 -8.80
N LEU B 104 -31.34 -11.95 -8.98
CA LEU B 104 -32.31 -10.90 -8.71
C LEU B 104 -33.27 -10.70 -9.89
N VAL B 105 -32.78 -10.98 -11.11
CA VAL B 105 -33.63 -10.96 -12.29
C VAL B 105 -34.50 -12.21 -12.31
N SER B 106 -33.92 -13.36 -11.96
CA SER B 106 -34.59 -14.64 -12.08
C SER B 106 -35.58 -14.84 -10.93
N HIS B 107 -35.11 -14.58 -9.70
CA HIS B 107 -35.85 -14.91 -8.51
C HIS B 107 -36.52 -13.66 -7.93
N GLY B 108 -36.34 -12.51 -8.59
CA GLY B 108 -36.95 -11.26 -8.14
C GLY B 108 -36.14 -10.58 -7.03
N ARG B 109 -36.73 -9.54 -6.43
CA ARG B 109 -36.09 -8.79 -5.36
C ARG B 109 -35.96 -9.66 -4.12
N MET B 110 -35.12 -9.21 -3.17
CA MET B 110 -34.95 -9.88 -1.89
C MET B 110 -35.75 -9.13 -0.83
N LYS B 111 -36.24 -9.86 0.19
CA LYS B 111 -36.88 -9.24 1.33
C LYS B 111 -35.80 -8.66 2.25
N GLU B 112 -36.14 -7.58 2.95
CA GLU B 112 -35.15 -6.79 3.66
C GLU B 112 -34.38 -7.66 4.65
N LYS B 113 -34.97 -8.77 5.10
CA LYS B 113 -34.29 -9.69 6.00
C LYS B 113 -33.12 -10.34 5.26
N GLU B 114 -33.41 -10.90 4.08
CA GLU B 114 -32.42 -11.59 3.27
C GLU B 114 -31.39 -10.59 2.76
N ALA B 115 -31.86 -9.43 2.32
CA ALA B 115 -30.99 -8.37 1.84
C ALA B 115 -29.99 -7.98 2.93
N ARG B 116 -30.51 -7.84 4.16
CA ARG B 116 -29.72 -7.43 5.30
C ARG B 116 -28.60 -8.44 5.51
N ALA B 117 -28.98 -9.72 5.53
CA ALA B 117 -28.04 -10.81 5.74
C ALA B 117 -26.87 -10.70 4.76
N LYS B 118 -27.20 -10.59 3.48
CA LYS B 118 -26.21 -10.60 2.41
C LYS B 118 -25.40 -9.30 2.43
N PHE B 119 -26.02 -8.19 2.85
CA PHE B 119 -25.35 -6.90 2.77
C PHE B 119 -24.37 -6.75 3.92
N ARG B 120 -24.59 -7.53 4.99
CA ARG B 120 -23.67 -7.57 6.10
C ARG B 120 -22.37 -8.22 5.62
N GLN B 121 -22.51 -9.42 5.06
CA GLN B 121 -21.40 -10.19 4.54
C GLN B 121 -20.54 -9.34 3.60
N ILE B 122 -21.22 -8.58 2.72
CA ILE B 122 -20.54 -7.68 1.80
C ILE B 122 -19.74 -6.65 2.61
N VAL B 123 -20.41 -5.95 3.52
CA VAL B 123 -19.79 -4.84 4.22
C VAL B 123 -18.63 -5.36 5.08
N SER B 124 -18.79 -6.53 5.69
CA SER B 124 -17.72 -7.16 6.45
C SER B 124 -16.49 -7.35 5.57
N ALA B 125 -16.68 -7.95 4.40
CA ALA B 125 -15.61 -8.32 3.50
C ALA B 125 -14.89 -7.08 2.97
N VAL B 126 -15.66 -6.07 2.57
CA VAL B 126 -15.09 -4.88 1.96
C VAL B 126 -14.32 -4.08 3.01
N HIS B 127 -14.81 -4.06 4.25
CA HIS B 127 -14.12 -3.37 5.32
C HIS B 127 -12.78 -4.03 5.60
N TYR B 128 -12.81 -5.35 5.79
CA TYR B 128 -11.63 -6.15 6.07
C TYR B 128 -10.56 -5.88 5.01
N CYS B 129 -11.02 -5.77 3.75
CA CYS B 129 -10.12 -5.53 2.63
C CYS B 129 -9.60 -4.10 2.61
N HIS B 130 -10.43 -3.15 3.03
CA HIS B 130 -10.00 -1.76 3.18
C HIS B 130 -8.99 -1.66 4.31
N GLN B 131 -9.18 -2.47 5.36
CA GLN B 131 -8.33 -2.47 6.54
C GLN B 131 -6.98 -3.10 6.20
N LYS B 132 -6.92 -3.84 5.08
CA LYS B 132 -5.67 -4.29 4.49
C LYS B 132 -5.39 -3.49 3.21
N ASN B 133 -5.81 -2.22 3.20
CA ASN B 133 -5.56 -1.28 2.11
C ASN B 133 -5.65 -1.97 0.74
N LEU B 139 -16.67 -3.00 -7.91
CA LEU B 139 -17.75 -3.93 -7.45
C LEU B 139 -18.90 -3.88 -8.44
N LYS B 140 -19.34 -5.06 -8.89
CA LYS B 140 -20.32 -5.14 -9.96
C LYS B 140 -20.96 -6.54 -9.96
N ALA B 141 -21.71 -6.84 -11.03
CA ALA B 141 -22.48 -8.07 -11.13
C ALA B 141 -21.59 -9.30 -10.98
N GLU B 142 -20.39 -9.21 -11.57
CA GLU B 142 -19.52 -10.36 -11.74
C GLU B 142 -18.68 -10.62 -10.48
N ASN B 143 -18.44 -9.58 -9.67
CA ASN B 143 -17.71 -9.71 -8.43
C ASN B 143 -18.54 -10.36 -7.33
N LEU B 144 -19.84 -10.06 -7.28
CA LEU B 144 -20.69 -10.48 -6.17
C LEU B 144 -21.33 -11.82 -6.50
N LEU B 145 -20.95 -12.88 -5.77
CA LEU B 145 -21.36 -14.24 -6.10
C LEU B 145 -21.98 -14.89 -4.86
N LEU B 146 -22.54 -16.09 -5.05
CA LEU B 146 -23.16 -16.83 -3.96
C LEU B 146 -22.71 -18.28 -3.98
N ASP B 147 -22.36 -18.81 -2.80
CA ASP B 147 -21.97 -20.20 -2.67
C ASP B 147 -23.25 -21.04 -2.59
N ALA B 148 -23.08 -22.35 -2.41
CA ALA B 148 -24.19 -23.28 -2.37
C ALA B 148 -25.17 -22.88 -1.28
N GLU B 149 -24.63 -22.44 -0.14
CA GLU B 149 -25.44 -22.09 1.01
C GLU B 149 -25.84 -20.62 0.96
N ALA B 150 -25.99 -20.07 -0.25
CA ALA B 150 -26.50 -18.73 -0.47
C ALA B 150 -25.72 -17.69 0.34
N ASN B 151 -24.38 -17.78 0.31
CA ASN B 151 -23.54 -16.83 1.02
C ASN B 151 -22.68 -16.05 0.02
N ILE B 152 -22.45 -14.78 0.34
CA ILE B 152 -21.73 -13.92 -0.57
C ILE B 152 -20.31 -14.46 -0.75
N LYS B 153 -19.83 -14.36 -1.99
CA LYS B 153 -18.45 -14.62 -2.30
C LYS B 153 -17.98 -13.54 -3.26
N ILE B 154 -17.20 -12.58 -2.76
CA ILE B 154 -16.65 -11.56 -3.61
C ILE B 154 -15.38 -12.07 -4.29
N ALA B 155 -15.27 -11.80 -5.60
CA ALA B 155 -14.26 -12.38 -6.46
C ALA B 155 -13.52 -11.27 -7.20
N ASP B 156 -12.30 -11.60 -7.66
CA ASP B 156 -11.49 -10.71 -8.48
C ASP B 156 -11.32 -9.35 -7.80
N PHE B 157 -11.58 -9.31 -6.49
CA PHE B 157 -11.56 -8.06 -5.76
C PHE B 157 -10.11 -7.80 -5.38
N GLY B 158 -9.47 -6.84 -6.06
CA GLY B 158 -8.07 -6.52 -5.81
C GLY B 158 -7.13 -7.01 -6.92
N PHE B 159 -7.69 -7.57 -7.99
CA PHE B 159 -6.95 -7.77 -9.23
C PHE B 159 -7.07 -6.54 -10.12
N SER B 160 -6.10 -6.37 -11.03
CA SER B 160 -6.09 -5.27 -11.98
C SER B 160 -6.33 -5.79 -13.40
N ASN B 161 -6.66 -7.08 -13.50
CA ASN B 161 -6.65 -7.81 -14.75
C ASN B 161 -7.80 -7.34 -15.63
N GLU B 162 -7.94 -7.98 -16.79
CA GLU B 162 -9.12 -7.87 -17.63
C GLU B 162 -10.26 -8.69 -17.00
N PHE B 163 -9.90 -9.57 -16.05
CA PHE B 163 -10.84 -10.44 -15.35
C PHE B 163 -11.46 -11.41 -16.35
N THR B 164 -12.75 -11.70 -16.17
CA THR B 164 -13.51 -12.56 -17.05
C THR B 164 -14.86 -11.89 -17.38
N PRO B 192 -11.58 4.83 -0.43
CA PRO B 192 -12.71 4.00 0.00
C PRO B 192 -14.06 4.43 -0.59
N GLU B 193 -14.13 5.70 -1.02
CA GLU B 193 -15.40 6.33 -1.38
C GLU B 193 -15.93 5.79 -2.71
N VAL B 194 -15.04 5.27 -3.57
CA VAL B 194 -15.43 4.71 -4.85
C VAL B 194 -16.27 3.45 -4.64
N ASP B 195 -15.99 2.74 -3.54
CA ASP B 195 -16.69 1.50 -3.19
C ASP B 195 -17.95 1.81 -2.38
N ILE B 196 -17.92 2.87 -1.56
CA ILE B 196 -19.06 3.25 -0.73
C ILE B 196 -20.27 3.50 -1.64
N TRP B 197 -20.08 4.36 -2.65
CA TRP B 197 -21.07 4.51 -3.70
C TRP B 197 -21.52 3.14 -4.19
N SER B 198 -20.55 2.31 -4.64
CA SER B 198 -20.84 1.02 -5.23
C SER B 198 -21.74 0.19 -4.31
N LEU B 199 -21.45 0.19 -3.00
CA LEU B 199 -22.24 -0.57 -2.04
C LEU B 199 -23.67 -0.04 -2.00
N GLY B 200 -23.83 1.29 -2.11
CA GLY B 200 -25.15 1.92 -2.10
C GLY B 200 -26.03 1.41 -3.25
N VAL B 201 -25.43 1.35 -4.44
CA VAL B 201 -26.09 0.83 -5.63
C VAL B 201 -26.48 -0.62 -5.41
N ILE B 202 -25.57 -1.41 -4.82
CA ILE B 202 -25.80 -2.84 -4.61
C ILE B 202 -26.95 -3.02 -3.64
N LEU B 203 -26.95 -2.24 -2.55
CA LEU B 203 -28.03 -2.32 -1.59
C LEU B 203 -29.36 -2.10 -2.30
N TYR B 204 -29.42 -1.07 -3.15
CA TYR B 204 -30.64 -0.74 -3.88
C TYR B 204 -31.08 -1.96 -4.68
N THR B 205 -30.15 -2.53 -5.45
CA THR B 205 -30.47 -3.65 -6.30
C THR B 205 -30.98 -4.83 -5.48
N LEU B 206 -30.41 -5.03 -4.29
CA LEU B 206 -30.80 -6.14 -3.44
C LEU B 206 -32.26 -5.99 -3.02
N VAL B 207 -32.66 -4.82 -2.52
CA VAL B 207 -33.98 -4.69 -1.92
C VAL B 207 -35.02 -4.44 -3.00
N SER B 208 -34.66 -3.64 -4.01
CA SER B 208 -35.56 -3.27 -5.09
C SER B 208 -35.64 -4.40 -6.11
N GLY B 209 -34.48 -4.97 -6.46
CA GLY B 209 -34.40 -6.05 -7.43
C GLY B 209 -34.00 -5.57 -8.82
N SER B 210 -33.95 -4.23 -8.99
CA SER B 210 -33.56 -3.63 -10.26
C SER B 210 -32.40 -2.68 -10.04
N LEU B 211 -31.72 -2.34 -11.14
CA LEU B 211 -30.61 -1.41 -11.08
C LEU B 211 -31.14 -0.01 -10.82
N PRO B 212 -30.42 0.86 -10.06
CA PRO B 212 -30.86 2.24 -9.86
C PRO B 212 -30.68 3.10 -11.11
N PHE B 213 -29.52 2.94 -11.78
CA PHE B 213 -29.16 3.77 -12.92
C PHE B 213 -28.91 2.88 -14.14
N ASP B 214 -29.98 2.51 -14.85
CA ASP B 214 -29.93 1.53 -15.93
C ASP B 214 -30.17 2.25 -17.27
N GLY B 215 -30.29 1.47 -18.34
CA GLY B 215 -30.63 2.02 -19.65
C GLY B 215 -29.43 2.66 -20.34
N HIS B 216 -29.65 3.12 -21.59
CA HIS B 216 -28.66 3.85 -22.36
C HIS B 216 -28.99 5.34 -22.31
N ARG B 224 -28.23 9.80 -15.18
CA ARG B 224 -29.01 9.14 -14.10
C ARG B 224 -28.12 8.92 -12.88
N VAL B 225 -26.90 8.43 -13.12
CA VAL B 225 -25.94 8.19 -12.06
C VAL B 225 -25.51 9.53 -11.46
N LEU B 226 -25.38 10.55 -12.31
CA LEU B 226 -24.84 11.85 -11.91
C LEU B 226 -25.85 12.61 -11.06
N ARG B 227 -27.14 12.42 -11.36
CA ARG B 227 -28.22 12.97 -10.55
C ARG B 227 -28.39 12.15 -9.27
N GLY B 228 -28.07 10.84 -9.35
CA GLY B 228 -28.20 9.95 -8.22
C GLY B 228 -29.66 9.66 -7.87
N LYS B 229 -30.57 10.27 -8.64
CA LYS B 229 -31.99 10.17 -8.37
C LYS B 229 -32.47 8.78 -8.79
N TYR B 230 -33.02 8.05 -7.81
CA TYR B 230 -33.61 6.74 -8.02
C TYR B 230 -35.10 6.86 -7.71
N ARG B 231 -35.83 5.75 -7.84
CA ARG B 231 -37.20 5.67 -7.36
C ARG B 231 -37.22 4.83 -6.09
N VAL B 232 -38.06 5.25 -5.13
CA VAL B 232 -38.18 4.54 -3.87
C VAL B 232 -39.48 3.75 -3.92
N PRO B 233 -39.44 2.42 -4.20
CA PRO B 233 -40.65 1.60 -4.21
C PRO B 233 -41.35 1.62 -2.86
N PHE B 234 -42.67 1.35 -2.88
CA PHE B 234 -43.51 1.44 -1.70
C PHE B 234 -43.05 0.44 -0.63
N TYR B 235 -42.45 -0.68 -1.06
CA TYR B 235 -42.12 -1.76 -0.15
C TYR B 235 -40.78 -1.52 0.56
N MET B 236 -39.99 -0.57 0.07
CA MET B 236 -38.73 -0.22 0.72
C MET B 236 -39.03 0.51 2.04
N SER B 237 -38.37 0.09 3.12
CA SER B 237 -38.61 0.66 4.44
C SER B 237 -38.00 2.05 4.54
N THR B 238 -38.45 2.82 5.54
CA THR B 238 -37.90 4.14 5.79
C THR B 238 -36.45 4.00 6.26
N ASP B 239 -36.20 3.01 7.12
CA ASP B 239 -34.88 2.72 7.63
C ASP B 239 -33.93 2.42 6.48
N CYS B 240 -34.40 1.58 5.55
CA CYS B 240 -33.61 1.21 4.37
C CYS B 240 -33.31 2.43 3.51
N GLU B 241 -34.33 3.27 3.25
CA GLU B 241 -34.13 4.50 2.49
C GLU B 241 -33.05 5.34 3.16
N SER B 242 -33.11 5.41 4.50
CA SER B 242 -32.24 6.28 5.28
C SER B 242 -30.78 5.85 5.14
N ILE B 243 -30.53 4.54 5.24
CA ILE B 243 -29.18 4.03 5.13
C ILE B 243 -28.71 4.19 3.68
N LEU B 244 -29.63 4.08 2.71
CA LEU B 244 -29.28 4.26 1.31
C LEU B 244 -28.68 5.63 1.06
N ARG B 245 -29.15 6.62 1.84
CA ARG B 245 -28.74 8.01 1.64
C ARG B 245 -27.31 8.17 2.15
N ARG B 246 -26.96 7.44 3.22
CA ARG B 246 -25.64 7.48 3.81
C ARG B 246 -24.59 7.05 2.77
N PHE B 247 -24.94 6.06 1.96
CA PHE B 247 -24.05 5.52 0.95
C PHE B 247 -23.96 6.45 -0.26
N LEU B 248 -25.11 6.79 -0.85
CA LEU B 248 -25.15 7.53 -2.09
C LEU B 248 -25.18 9.04 -1.83
N VAL B 249 -24.13 9.58 -1.20
CA VAL B 249 -23.97 11.02 -1.07
C VAL B 249 -23.15 11.52 -2.25
N LEU B 250 -23.57 12.66 -2.81
CA LEU B 250 -23.00 13.22 -4.03
C LEU B 250 -21.59 13.74 -3.79
N ASN B 251 -21.31 14.19 -2.56
CA ASN B 251 -19.97 14.57 -2.15
C ASN B 251 -19.33 13.41 -1.40
N PRO B 252 -18.30 12.74 -1.98
CA PRO B 252 -17.62 11.63 -1.29
C PRO B 252 -17.09 12.03 0.09
N ALA B 253 -16.82 13.35 0.23
CA ALA B 253 -16.23 13.94 1.43
C ALA B 253 -17.14 13.74 2.65
N LYS B 254 -18.46 13.68 2.43
CA LYS B 254 -19.37 13.55 3.55
C LYS B 254 -20.03 12.17 3.56
N ARG B 255 -19.65 11.28 2.62
CA ARG B 255 -20.15 9.91 2.63
C ARG B 255 -19.75 9.26 3.95
N CYS B 256 -20.55 8.29 4.41
CA CYS B 256 -20.34 7.67 5.70
C CYS B 256 -19.30 6.57 5.58
N THR B 257 -18.56 6.32 6.68
CA THR B 257 -17.52 5.31 6.68
C THR B 257 -18.11 3.98 7.09
N LEU B 258 -17.61 2.89 6.50
CA LEU B 258 -18.06 1.54 6.77
C LEU B 258 -18.02 1.27 8.27
N GLU B 259 -16.99 1.81 8.95
CA GLU B 259 -16.88 1.66 10.39
C GLU B 259 -18.19 2.11 11.05
N GLN B 260 -18.68 3.27 10.61
CA GLN B 260 -19.91 3.85 11.14
C GLN B 260 -21.12 3.06 10.66
N ILE B 261 -21.21 2.84 9.34
CA ILE B 261 -22.40 2.28 8.71
C ILE B 261 -22.67 0.87 9.26
N MET B 262 -21.68 0.26 9.93
CA MET B 262 -21.88 -1.03 10.58
C MET B 262 -22.79 -0.89 11.79
N LYS B 263 -22.95 0.35 12.29
CA LYS B 263 -23.76 0.65 13.46
C LYS B 263 -25.17 1.10 13.08
N ASP B 264 -25.42 1.31 11.77
CA ASP B 264 -26.72 1.74 11.29
C ASP B 264 -27.80 0.83 11.88
N LYS B 265 -28.98 1.40 12.10
CA LYS B 265 -30.09 0.67 12.70
C LYS B 265 -30.54 -0.44 11.75
N TRP B 266 -30.69 -0.07 10.47
CA TRP B 266 -31.20 -0.99 9.48
C TRP B 266 -30.34 -2.25 9.44
N ILE B 267 -29.02 -2.06 9.39
CA ILE B 267 -28.09 -3.16 9.17
C ILE B 267 -28.20 -4.17 10.30
N ASN B 268 -28.69 -3.76 11.47
CA ASN B 268 -28.66 -4.64 12.64
C ASN B 268 -30.07 -4.98 13.14
N ILE B 269 -31.08 -4.92 12.26
CA ILE B 269 -32.41 -5.36 12.64
C ILE B 269 -32.45 -6.88 12.58
N GLY B 270 -32.79 -7.50 13.71
CA GLY B 270 -32.85 -8.95 13.84
C GLY B 270 -31.55 -9.51 14.38
N TYR B 271 -30.56 -8.63 14.57
CA TYR B 271 -29.25 -8.98 15.09
C TYR B 271 -28.97 -8.07 16.29
N GLU B 272 -29.74 -8.26 17.37
CA GLU B 272 -29.78 -7.32 18.48
C GLU B 272 -28.48 -7.43 19.28
N GLY B 273 -28.18 -8.64 19.76
CA GLY B 273 -26.95 -8.91 20.48
C GLY B 273 -25.83 -9.37 19.55
N GLU B 274 -25.98 -9.08 18.24
CA GLU B 274 -24.98 -9.45 17.25
C GLU B 274 -24.72 -8.26 16.33
N GLU B 275 -24.58 -7.07 16.92
CA GLU B 275 -24.24 -5.88 16.17
C GLU B 275 -22.99 -6.16 15.34
N LEU B 276 -23.08 -5.82 14.04
CA LEU B 276 -22.00 -6.08 13.10
C LEU B 276 -20.74 -5.38 13.59
N LYS B 277 -19.63 -6.14 13.58
CA LYS B 277 -18.31 -5.65 13.94
C LYS B 277 -17.35 -5.91 12.77
N PRO B 278 -16.20 -5.21 12.67
CA PRO B 278 -15.17 -5.56 11.68
C PRO B 278 -14.73 -7.00 11.86
N TYR B 279 -14.53 -7.71 10.74
CA TYR B 279 -14.01 -9.06 10.76
C TYR B 279 -12.58 -9.00 11.27
N THR B 280 -12.25 -9.88 12.23
CA THR B 280 -10.88 -10.11 12.65
C THR B 280 -10.50 -11.54 12.28
N GLU B 281 -9.27 -11.72 11.81
CA GLU B 281 -8.86 -12.98 11.22
C GLU B 281 -8.68 -14.04 12.29
N PRO B 282 -8.86 -15.34 11.95
CA PRO B 282 -8.58 -16.42 12.88
C PRO B 282 -7.08 -16.68 13.01
N GLU B 283 -6.69 -17.36 14.08
CA GLU B 283 -5.32 -17.84 14.22
C GLU B 283 -5.09 -18.94 13.20
N GLU B 284 -3.81 -19.23 12.95
CA GLU B 284 -3.42 -20.38 12.14
C GLU B 284 -3.88 -21.66 12.85
N ASP B 285 -4.41 -22.62 12.07
CA ASP B 285 -4.67 -23.96 12.58
C ASP B 285 -3.98 -24.97 11.65
N PHE B 286 -2.64 -25.00 11.72
CA PHE B 286 -1.85 -25.79 10.80
C PHE B 286 -1.58 -27.19 11.37
N GLY B 287 -2.14 -27.51 12.54
CA GLY B 287 -1.85 -28.77 13.20
C GLY B 287 -3.08 -29.65 13.39
N ASP B 288 -3.96 -29.71 12.38
CA ASP B 288 -5.10 -30.61 12.45
C ASP B 288 -4.62 -32.03 12.13
N THR B 289 -4.46 -32.82 13.19
CA THR B 289 -3.85 -34.13 13.10
C THR B 289 -4.65 -35.02 12.15
N LYS B 290 -5.99 -34.91 12.19
CA LYS B 290 -6.88 -35.78 11.43
C LYS B 290 -6.64 -35.57 9.94
N ARG B 291 -6.51 -34.30 9.53
CA ARG B 291 -6.20 -33.97 8.15
C ARG B 291 -4.81 -34.46 7.78
N ILE B 292 -3.84 -34.26 8.68
CA ILE B 292 -2.46 -34.63 8.43
C ILE B 292 -2.35 -36.15 8.23
N GLU B 293 -3.06 -36.91 9.07
CA GLU B 293 -3.10 -38.35 8.95
C GLU B 293 -3.48 -38.76 7.53
N VAL B 294 -4.56 -38.12 7.03
CA VAL B 294 -5.11 -38.37 5.72
C VAL B 294 -4.05 -38.04 4.66
N MET B 295 -3.40 -36.88 4.83
CA MET B 295 -2.40 -36.41 3.89
C MET B 295 -1.18 -37.32 3.92
N VAL B 296 -0.84 -37.81 5.11
CA VAL B 296 0.23 -38.79 5.24
C VAL B 296 -0.14 -40.05 4.48
N GLY B 297 -1.41 -40.46 4.61
CA GLY B 297 -1.95 -41.59 3.88
C GLY B 297 -2.01 -41.35 2.37
N MET B 298 -1.92 -40.08 1.95
CA MET B 298 -1.92 -39.72 0.53
C MET B 298 -0.52 -39.80 -0.07
N GLY B 299 0.51 -39.86 0.80
CA GLY B 299 1.89 -40.00 0.36
C GLY B 299 2.77 -38.82 0.78
N TYR B 300 2.15 -37.77 1.31
CA TYR B 300 2.88 -36.61 1.80
C TYR B 300 3.57 -37.01 3.11
N THR B 301 4.49 -36.15 3.59
CA THR B 301 5.18 -36.38 4.84
C THR B 301 4.85 -35.25 5.81
N ARG B 302 5.15 -35.47 7.10
CA ARG B 302 4.83 -34.51 8.14
C ARG B 302 5.68 -33.27 7.97
N GLU B 303 6.91 -33.48 7.46
CA GLU B 303 7.87 -32.42 7.23
C GLU B 303 7.42 -31.58 6.04
N GLU B 304 7.05 -32.26 4.95
CA GLU B 304 6.51 -31.61 3.76
C GLU B 304 5.32 -30.74 4.15
N ILE B 305 4.45 -31.29 5.00
CA ILE B 305 3.23 -30.60 5.43
C ILE B 305 3.61 -29.38 6.26
N LYS B 306 4.50 -29.56 7.24
CA LYS B 306 4.87 -28.45 8.10
C LYS B 306 5.54 -27.36 7.26
N GLU B 307 6.56 -27.75 6.48
CA GLU B 307 7.30 -26.78 5.69
C GLU B 307 6.35 -25.99 4.81
N SER B 308 5.37 -26.69 4.21
CA SER B 308 4.51 -26.09 3.19
C SER B 308 3.51 -25.09 3.79
N LEU B 309 2.92 -25.43 4.95
CA LEU B 309 1.90 -24.60 5.56
C LEU B 309 2.53 -23.34 6.14
N THR B 310 3.71 -23.48 6.75
CA THR B 310 4.43 -22.36 7.34
C THR B 310 4.88 -21.38 6.26
N SER B 311 5.63 -21.89 5.25
CA SER B 311 6.19 -21.07 4.18
C SER B 311 5.08 -20.39 3.37
N GLN B 312 3.88 -20.99 3.39
CA GLN B 312 2.73 -20.46 2.68
C GLN B 312 3.09 -20.28 1.21
N LYS B 313 3.50 -21.38 0.57
CA LYS B 313 3.91 -21.36 -0.82
C LYS B 313 2.76 -21.80 -1.72
N TYR B 314 1.60 -22.12 -1.12
CA TYR B 314 0.38 -22.46 -1.83
C TYR B 314 0.66 -23.53 -2.89
N ASN B 315 1.34 -24.61 -2.47
CA ASN B 315 1.68 -25.73 -3.34
C ASN B 315 0.61 -26.82 -3.22
N GLU B 316 0.86 -27.98 -3.86
CA GLU B 316 -0.08 -29.10 -3.84
C GLU B 316 -0.45 -29.48 -2.41
N VAL B 317 0.49 -29.28 -1.47
CA VAL B 317 0.33 -29.76 -0.12
C VAL B 317 -0.58 -28.80 0.67
N THR B 318 -0.29 -27.49 0.56
CA THR B 318 -1.09 -26.47 1.24
C THR B 318 -2.53 -26.54 0.75
N ALA B 319 -2.70 -26.64 -0.57
CA ALA B 319 -4.02 -26.78 -1.17
C ALA B 319 -4.77 -27.98 -0.56
N THR B 320 -4.11 -29.15 -0.56
CA THR B 320 -4.75 -30.36 -0.10
C THR B 320 -5.17 -30.23 1.37
N TYR B 321 -4.42 -29.45 2.15
CA TYR B 321 -4.74 -29.25 3.54
C TYR B 321 -6.03 -28.44 3.65
N LEU B 322 -6.12 -27.36 2.86
CA LEU B 322 -7.23 -26.43 2.93
C LEU B 322 -8.52 -27.09 2.44
N LEU B 323 -8.43 -27.79 1.31
CA LEU B 323 -9.57 -28.50 0.74
C LEU B 323 -10.10 -29.55 1.70
N LEU B 324 -9.18 -30.19 2.44
CA LEU B 324 -9.56 -31.26 3.34
C LEU B 324 -10.39 -30.74 4.50
N GLY B 325 -10.41 -29.41 4.69
CA GLY B 325 -11.18 -28.82 5.77
C GLY B 325 -12.32 -27.95 5.26
N ARG B 326 -12.60 -28.04 3.95
CA ARG B 326 -13.56 -27.16 3.30
C ARG B 326 -14.97 -27.63 3.66
N LYS B 327 -15.23 -28.91 3.40
CA LYS B 327 -16.27 -29.68 4.06
C LYS B 327 -17.45 -28.77 4.44
#